data_1NXJ
#
_entry.id   1NXJ
#
_cell.length_a   102.462
_cell.length_b   102.462
_cell.length_c   117.494
_cell.angle_alpha   90.00
_cell.angle_beta   90.00
_cell.angle_gamma   120.00
#
_symmetry.space_group_name_H-M   'P 63'
#
loop_
_entity.id
_entity.type
_entity.pdbx_description
1 polymer 'Probable S-adenosylmethionine:2-demethylmenaquinone methyltransferase'
2 non-polymer 'GLYOXYLIC ACID'
3 non-polymer 'L(+)-TARTARIC ACID'
4 water water
#
_entity_poly.entity_id   1
_entity_poly.type   'polypeptide(L)'
_entity_poly.pdbx_seq_one_letter_code
;MSYYHHHHHHDYDIPTTGNLYFQGAMVAISFRPTADLVDDIGPDVRSCDLQFRQFGGRSQFAGPISTVRCFQDNALLKSV
LSQPSAGGVLVIDGAGSLHTALVGDVIAELARSTGWTGLIVHGAVRDAAALRGIDIGIKALGTNPRKSTKTGAGERDVEI
TLGGVTFVPGDIAYSDDDGIIVV
;
_entity_poly.pdbx_strand_id   A,B,C
#
loop_
_chem_comp.id
_chem_comp.type
_chem_comp.name
_chem_comp.formula
GLV non-polymer 'GLYOXYLIC ACID' 'C2 H2 O3'
TLA non-polymer 'L(+)-TARTARIC ACID' 'C4 H6 O6'
#
# COMPACT_ATOMS: atom_id res chain seq x y z
N ALA A 28 18.98 6.97 13.68
CA ALA A 28 18.86 6.74 12.21
C ALA A 28 20.22 6.81 11.53
N ILE A 29 20.39 6.00 10.48
CA ILE A 29 21.64 5.98 9.72
C ILE A 29 21.56 6.98 8.57
N SER A 30 22.53 7.88 8.48
CA SER A 30 22.52 8.85 7.39
C SER A 30 23.36 8.32 6.23
N PHE A 31 22.76 8.28 5.05
CA PHE A 31 23.49 7.80 3.88
C PHE A 31 24.74 8.61 3.60
N ARG A 32 25.73 7.93 3.02
CA ARG A 32 27.00 8.54 2.61
C ARG A 32 27.44 7.81 1.36
N PRO A 33 27.99 8.53 0.38
CA PRO A 33 28.43 7.87 -0.86
C PRO A 33 29.44 6.77 -0.53
N THR A 34 29.34 5.64 -1.23
CA THR A 34 30.25 4.53 -0.97
C THR A 34 31.71 4.92 -1.18
N ALA A 35 31.97 5.82 -2.13
CA ALA A 35 33.34 6.26 -2.39
C ALA A 35 33.94 6.99 -1.19
N ASP A 36 33.11 7.79 -0.52
CA ASP A 36 33.55 8.53 0.66
C ASP A 36 33.81 7.58 1.82
N LEU A 37 32.96 6.56 1.96
CA LEU A 37 33.13 5.57 3.02
C LEU A 37 34.45 4.85 2.79
N VAL A 38 34.73 4.51 1.53
CA VAL A 38 35.98 3.83 1.20
C VAL A 38 37.17 4.72 1.59
N ASP A 39 37.10 6.01 1.26
CA ASP A 39 38.18 6.93 1.62
C ASP A 39 38.38 6.92 3.13
N ASP A 40 37.28 6.85 3.87
CA ASP A 40 37.34 6.84 5.34
C ASP A 40 37.86 5.56 5.94
N ILE A 41 37.40 4.43 5.40
CA ILE A 41 37.77 3.11 5.91
C ILE A 41 39.15 2.60 5.53
N GLY A 42 39.58 2.88 4.31
CA GLY A 42 40.89 2.40 3.91
C GLY A 42 40.87 1.11 3.10
N PRO A 43 42.05 0.51 2.84
CA PRO A 43 42.25 -0.73 2.07
C PRO A 43 41.45 -1.96 2.46
N ASP A 44 41.07 -2.08 3.73
CA ASP A 44 40.31 -3.24 4.17
C ASP A 44 38.81 -3.05 4.16
N VAL A 45 38.35 -2.00 3.49
CA VAL A 45 36.93 -1.71 3.40
C VAL A 45 36.18 -2.92 2.84
N ARG A 46 34.98 -3.17 3.36
CA ARG A 46 34.18 -4.29 2.86
C ARG A 46 33.30 -3.80 1.72
N SER A 47 33.84 -3.87 0.51
CA SER A 47 33.13 -3.43 -0.69
C SER A 47 32.74 -4.63 -1.57
N CYS A 48 31.45 -4.72 -1.89
CA CYS A 48 30.92 -5.82 -2.70
C CYS A 48 31.28 -5.67 -4.18
N ASP A 49 31.92 -6.70 -4.74
CA ASP A 49 32.33 -6.69 -6.15
C ASP A 49 31.23 -7.08 -7.13
N LEU A 50 30.15 -7.66 -6.63
CA LEU A 50 29.05 -8.10 -7.50
C LEU A 50 28.34 -6.91 -8.13
N GLN A 51 28.20 -6.96 -9.45
CA GLN A 51 27.55 -5.88 -10.19
C GLN A 51 26.03 -6.04 -10.19
N PHE A 52 25.33 -5.12 -9.53
CA PHE A 52 23.87 -5.16 -9.47
C PHE A 52 23.26 -4.09 -10.37
N ARG A 53 22.00 -4.29 -10.73
CA ARG A 53 21.28 -3.31 -11.52
C ARG A 53 20.41 -2.59 -10.49
N GLN A 54 20.12 -1.31 -10.73
CA GLN A 54 19.27 -0.51 -9.85
C GLN A 54 17.84 -0.57 -10.39
N PHE A 55 16.87 -0.70 -9.50
CA PHE A 55 15.46 -0.80 -9.91
C PHE A 55 14.51 0.13 -9.16
N GLY A 56 14.90 0.55 -7.96
CA GLY A 56 14.02 1.38 -7.16
C GLY A 56 13.99 2.88 -7.41
N GLY A 57 13.06 3.54 -6.72
CA GLY A 57 12.91 4.98 -6.83
C GLY A 57 14.06 5.73 -6.17
N ARG A 58 14.84 5.04 -5.35
CA ARG A 58 15.99 5.64 -4.69
C ARG A 58 17.26 4.96 -5.16
N SER A 59 18.22 5.75 -5.62
CA SER A 59 19.47 5.18 -6.09
C SER A 59 20.46 5.05 -4.93
N GLN A 60 20.14 5.70 -3.81
CA GLN A 60 21.02 5.66 -2.64
C GLN A 60 20.24 5.29 -1.39
N PHE A 61 20.84 4.46 -0.55
CA PHE A 61 20.20 4.06 0.69
C PHE A 61 21.21 3.49 1.67
N ALA A 62 20.87 3.51 2.95
CA ALA A 62 21.72 2.98 4.00
C ALA A 62 20.86 2.61 5.18
N GLY A 63 21.23 1.51 5.86
CA GLY A 63 20.46 1.08 7.01
C GLY A 63 20.94 -0.23 7.59
N PRO A 64 20.45 -0.61 8.79
CA PRO A 64 20.84 -1.86 9.44
C PRO A 64 20.39 -3.07 8.62
N ILE A 65 21.28 -4.05 8.53
CA ILE A 65 21.07 -5.27 7.77
C ILE A 65 20.26 -6.38 8.43
N SER A 66 19.37 -6.96 7.63
CA SER A 66 18.56 -8.12 8.03
C SER A 66 18.80 -9.05 6.83
N THR A 67 18.66 -10.36 7.03
CA THR A 67 18.91 -11.29 5.94
C THR A 67 17.93 -12.43 5.82
N VAL A 68 17.82 -12.95 4.61
CA VAL A 68 16.96 -14.10 4.31
C VAL A 68 17.59 -14.85 3.16
N ARG A 69 17.73 -16.16 3.30
CA ARG A 69 18.25 -17.00 2.23
C ARG A 69 17.07 -17.85 1.80
N CYS A 70 16.85 -17.94 0.50
CA CYS A 70 15.74 -18.71 -0.03
C CYS A 70 16.03 -19.07 -1.48
N PHE A 71 15.10 -19.77 -2.11
CA PHE A 71 15.30 -20.15 -3.51
C PHE A 71 14.00 -20.17 -4.27
N GLN A 72 13.82 -19.18 -5.14
CA GLN A 72 12.63 -19.05 -5.98
C GLN A 72 11.34 -19.14 -5.16
N ASP A 73 11.41 -18.66 -3.93
CA ASP A 73 10.28 -18.66 -3.01
C ASP A 73 10.39 -17.37 -2.21
N ASN A 74 9.29 -16.63 -2.07
CA ASN A 74 9.36 -15.37 -1.34
C ASN A 74 8.39 -15.18 -0.19
N ALA A 75 7.82 -16.26 0.32
CA ALA A 75 6.89 -16.14 1.45
C ALA A 75 7.64 -15.70 2.71
N LEU A 76 8.84 -16.25 2.91
CA LEU A 76 9.62 -15.89 4.10
C LEU A 76 10.07 -14.44 4.09
N LEU A 77 10.65 -13.99 2.98
CA LEU A 77 11.12 -12.60 2.89
C LEU A 77 9.96 -11.61 2.99
N LYS A 78 8.78 -12.01 2.52
CA LYS A 78 7.62 -11.14 2.60
C LYS A 78 7.17 -10.97 4.05
N SER A 79 7.24 -12.05 4.82
CA SER A 79 6.85 -11.98 6.22
C SER A 79 7.83 -11.08 6.97
N VAL A 80 9.11 -11.16 6.60
CA VAL A 80 10.13 -10.34 7.22
C VAL A 80 9.88 -8.86 6.92
N LEU A 81 9.54 -8.58 5.66
CA LEU A 81 9.28 -7.21 5.23
C LEU A 81 7.92 -6.71 5.72
N SER A 82 7.13 -7.59 6.31
CA SER A 82 5.83 -7.22 6.84
C SER A 82 5.98 -6.56 8.21
N GLN A 83 7.13 -6.79 8.84
CA GLN A 83 7.41 -6.23 10.16
C GLN A 83 7.95 -4.81 10.08
N PRO A 84 7.60 -3.97 11.07
CA PRO A 84 8.06 -2.58 11.07
C PRO A 84 9.59 -2.55 11.08
N SER A 85 10.17 -1.58 10.38
CA SER A 85 11.62 -1.47 10.31
C SER A 85 12.07 -0.02 10.40
N ALA A 86 13.15 0.20 11.14
CA ALA A 86 13.70 1.54 11.30
C ALA A 86 14.70 1.85 10.18
N GLY A 87 14.19 1.87 8.95
CA GLY A 87 15.04 2.15 7.81
C GLY A 87 16.01 1.02 7.52
N GLY A 88 15.56 -0.22 7.72
CA GLY A 88 16.44 -1.35 7.49
C GLY A 88 16.68 -1.70 6.04
N VAL A 89 17.67 -2.56 5.83
CA VAL A 89 18.04 -3.06 4.51
C VAL A 89 17.93 -4.57 4.56
N LEU A 90 17.18 -5.15 3.63
CA LEU A 90 17.03 -6.60 3.61
C LEU A 90 17.89 -7.17 2.48
N VAL A 91 18.81 -8.06 2.84
CA VAL A 91 19.66 -8.69 1.84
C VAL A 91 19.05 -10.08 1.62
N ILE A 92 18.66 -10.34 0.38
CA ILE A 92 18.04 -11.60 0.03
C ILE A 92 18.93 -12.46 -0.86
N ASP A 93 19.32 -13.63 -0.36
CA ASP A 93 20.14 -14.50 -1.17
C ASP A 93 19.24 -15.56 -1.81
N GLY A 94 18.94 -15.37 -3.10
CA GLY A 94 18.12 -16.30 -3.81
C GLY A 94 18.99 -17.10 -4.77
N ALA A 95 20.25 -17.27 -4.40
CA ALA A 95 21.24 -18.00 -5.19
C ALA A 95 21.45 -17.38 -6.56
N GLY A 96 21.03 -16.13 -6.72
CA GLY A 96 21.21 -15.44 -7.98
C GLY A 96 20.33 -15.94 -9.12
N SER A 97 19.30 -16.72 -8.79
CA SER A 97 18.42 -17.24 -9.83
C SER A 97 17.72 -16.14 -10.60
N LEU A 98 17.65 -16.32 -11.92
CA LEU A 98 16.98 -15.35 -12.77
C LEU A 98 15.72 -16.01 -13.31
N HIS A 99 15.31 -17.09 -12.66
CA HIS A 99 14.12 -17.86 -13.09
C HIS A 99 12.79 -17.33 -12.55
N THR A 100 12.79 -16.79 -11.33
CA THR A 100 11.55 -16.24 -10.74
C THR A 100 11.83 -14.89 -10.09
N ALA A 101 10.77 -14.11 -9.92
CA ALA A 101 10.88 -12.80 -9.30
C ALA A 101 10.71 -12.93 -7.79
N LEU A 102 11.74 -12.58 -7.04
CA LEU A 102 11.68 -12.66 -5.59
C LEU A 102 10.91 -11.44 -5.06
N VAL A 103 11.05 -10.32 -5.76
CA VAL A 103 10.38 -9.09 -5.37
C VAL A 103 9.70 -8.44 -6.57
N GLY A 104 8.46 -8.01 -6.36
CA GLY A 104 7.68 -7.33 -7.39
C GLY A 104 7.15 -6.04 -6.77
N ASP A 105 6.18 -5.38 -7.41
CA ASP A 105 5.69 -4.14 -6.82
C ASP A 105 4.88 -4.31 -5.54
N VAL A 106 4.36 -5.51 -5.29
CA VAL A 106 3.59 -5.75 -4.08
C VAL A 106 4.51 -5.79 -2.86
N ILE A 107 5.55 -6.61 -2.93
CA ILE A 107 6.49 -6.72 -1.82
C ILE A 107 7.32 -5.44 -1.64
N ALA A 108 7.68 -4.79 -2.74
CA ALA A 108 8.46 -3.56 -2.67
C ALA A 108 7.66 -2.48 -1.94
N GLU A 109 6.40 -2.33 -2.32
CA GLU A 109 5.53 -1.33 -1.69
C GLU A 109 5.34 -1.67 -0.22
N LEU A 110 5.18 -2.96 0.07
CA LEU A 110 5.00 -3.41 1.45
C LEU A 110 6.23 -3.00 2.25
N ALA A 111 7.41 -3.32 1.72
CA ALA A 111 8.66 -2.98 2.40
C ALA A 111 8.72 -1.49 2.67
N ARG A 112 8.43 -0.69 1.65
CA ARG A 112 8.45 0.77 1.80
C ARG A 112 7.46 1.22 2.87
N SER A 113 6.28 0.63 2.88
CA SER A 113 5.23 1.00 3.83
C SER A 113 5.52 0.63 5.27
N THR A 114 6.43 -0.31 5.48
CA THR A 114 6.77 -0.71 6.84
C THR A 114 8.07 -0.09 7.35
N GLY A 115 8.72 0.73 6.51
CA GLY A 115 9.93 1.40 6.95
C GLY A 115 11.26 1.00 6.36
N TRP A 116 11.30 -0.06 5.55
CA TRP A 116 12.56 -0.49 4.97
C TRP A 116 13.06 0.52 3.94
N THR A 117 14.38 0.75 3.92
CA THR A 117 14.94 1.71 3.00
C THR A 117 15.57 1.09 1.74
N GLY A 118 15.88 -0.20 1.81
CA GLY A 118 16.47 -0.83 0.65
C GLY A 118 16.44 -2.35 0.65
N LEU A 119 16.42 -2.92 -0.55
CA LEU A 119 16.39 -4.35 -0.74
C LEU A 119 17.53 -4.72 -1.69
N ILE A 120 18.35 -5.69 -1.28
CA ILE A 120 19.45 -6.16 -2.12
C ILE A 120 19.09 -7.60 -2.45
N VAL A 121 18.72 -7.82 -3.71
CA VAL A 121 18.27 -9.13 -4.15
C VAL A 121 19.24 -9.91 -5.00
N HIS A 122 19.79 -10.99 -4.44
CA HIS A 122 20.70 -11.84 -5.20
C HIS A 122 19.77 -12.80 -5.93
N GLY A 123 19.09 -12.25 -6.93
CA GLY A 123 18.14 -13.00 -7.73
C GLY A 123 17.46 -12.01 -8.67
N ALA A 124 16.21 -12.27 -9.01
CA ALA A 124 15.48 -11.42 -9.94
C ALA A 124 14.25 -10.72 -9.35
N VAL A 125 13.75 -9.72 -10.07
CA VAL A 125 12.56 -8.97 -9.68
C VAL A 125 11.60 -8.85 -10.86
N ARG A 126 10.39 -8.38 -10.60
CA ARG A 126 9.38 -8.21 -11.65
C ARG A 126 8.78 -6.81 -11.47
N ASP A 127 7.94 -6.39 -12.42
CA ASP A 127 7.30 -5.07 -12.36
C ASP A 127 8.34 -3.95 -12.39
N ALA A 128 9.41 -4.17 -13.14
CA ALA A 128 10.49 -3.20 -13.25
C ALA A 128 9.98 -1.78 -13.53
N ALA A 129 9.05 -1.64 -14.45
CA ALA A 129 8.50 -0.32 -14.78
C ALA A 129 7.89 0.35 -13.56
N ALA A 130 7.26 -0.45 -12.70
CA ALA A 130 6.62 0.09 -11.50
C ALA A 130 7.61 0.32 -10.34
N LEU A 131 8.64 -0.53 -10.26
CA LEU A 131 9.62 -0.41 -9.19
C LEU A 131 10.35 0.94 -9.16
N ARG A 132 10.59 1.51 -10.34
CA ARG A 132 11.27 2.79 -10.42
C ARG A 132 10.42 3.89 -9.81
N GLY A 133 9.14 3.57 -9.57
CA GLY A 133 8.23 4.55 -8.99
C GLY A 133 7.90 4.31 -7.54
N ILE A 134 8.67 3.44 -6.88
CA ILE A 134 8.45 3.15 -5.47
C ILE A 134 9.66 3.73 -4.72
N ASP A 135 9.36 4.56 -3.72
CA ASP A 135 10.38 5.25 -2.92
C ASP A 135 11.18 4.35 -1.99
N ILE A 136 11.98 3.47 -2.58
CA ILE A 136 12.81 2.55 -1.83
C ILE A 136 13.96 2.12 -2.73
N GLY A 137 15.09 1.74 -2.15
CA GLY A 137 16.21 1.29 -2.95
C GLY A 137 16.05 -0.18 -3.29
N ILE A 138 16.37 -0.55 -4.52
CA ILE A 138 16.26 -1.93 -4.94
C ILE A 138 17.35 -2.32 -5.93
N LYS A 139 18.12 -3.33 -5.58
CA LYS A 139 19.17 -3.83 -6.44
C LYS A 139 18.93 -5.32 -6.65
N ALA A 140 19.13 -5.76 -7.89
CA ALA A 140 18.94 -7.16 -8.24
C ALA A 140 19.79 -7.48 -9.46
N LEU A 141 19.89 -8.76 -9.80
CA LEU A 141 20.70 -9.20 -10.94
C LEU A 141 19.96 -9.12 -12.27
N GLY A 142 18.64 -9.09 -12.22
CA GLY A 142 17.87 -9.04 -13.44
C GLY A 142 16.39 -9.18 -13.19
N THR A 143 15.64 -9.50 -14.24
CA THR A 143 14.19 -9.62 -14.13
C THR A 143 13.60 -10.88 -14.76
N ASN A 144 12.40 -11.20 -14.31
CA ASN A 144 11.65 -12.33 -14.84
C ASN A 144 10.23 -12.22 -14.27
N PRO A 145 9.23 -12.18 -15.15
CA PRO A 145 7.83 -12.08 -14.70
C PRO A 145 7.32 -13.33 -13.99
N ARG A 146 8.01 -14.46 -14.15
CA ARG A 146 7.57 -15.69 -13.51
C ARG A 146 7.58 -15.49 -11.99
N LYS A 147 6.51 -15.93 -11.33
CA LYS A 147 6.42 -15.75 -9.89
C LYS A 147 7.16 -16.81 -9.09
N SER A 148 7.53 -16.44 -7.87
CA SER A 148 8.21 -17.35 -6.96
C SER A 148 7.12 -18.08 -6.20
N THR A 149 7.46 -19.21 -5.60
CA THR A 149 6.49 -19.98 -4.84
C THR A 149 6.35 -19.33 -3.46
N LYS A 150 5.37 -19.79 -2.68
CA LYS A 150 5.15 -19.22 -1.35
C LYS A 150 5.06 -20.29 -0.27
N THR A 151 6.01 -21.23 -0.26
CA THR A 151 6.00 -22.28 0.75
C THR A 151 6.53 -21.76 2.08
N GLY A 152 7.36 -20.73 2.02
CA GLY A 152 7.94 -20.15 3.21
C GLY A 152 9.31 -20.76 3.52
N ALA A 153 9.76 -21.67 2.67
CA ALA A 153 11.06 -22.31 2.86
C ALA A 153 12.18 -21.28 2.86
N GLY A 154 13.21 -21.52 3.67
CA GLY A 154 14.33 -20.59 3.74
C GLY A 154 14.83 -20.37 5.16
N GLU A 155 15.84 -19.52 5.31
CA GLU A 155 16.42 -19.23 6.62
C GLU A 155 16.57 -17.73 6.82
N ARG A 156 16.27 -17.27 8.04
CA ARG A 156 16.39 -15.86 8.39
C ARG A 156 17.62 -15.60 9.23
N ASP A 157 18.11 -14.37 9.22
CA ASP A 157 19.25 -13.97 10.03
C ASP A 157 20.55 -14.73 9.80
N VAL A 158 20.76 -15.25 8.59
CA VAL A 158 21.99 -15.98 8.31
C VAL A 158 22.98 -15.00 7.69
N GLU A 159 24.26 -15.37 7.67
CA GLU A 159 25.26 -14.50 7.07
C GLU A 159 25.29 -14.81 5.57
N ILE A 160 25.34 -13.76 4.76
CA ILE A 160 25.33 -13.93 3.31
C ILE A 160 26.58 -13.30 2.71
N THR A 161 27.38 -14.11 2.03
CA THR A 161 28.60 -13.63 1.41
C THR A 161 28.43 -13.51 -0.10
N LEU A 162 28.51 -12.27 -0.57
CA LEU A 162 28.37 -11.96 -2.00
C LEU A 162 29.48 -11.02 -2.44
N GLY A 163 30.09 -11.31 -3.58
CA GLY A 163 31.14 -10.47 -4.11
C GLY A 163 32.27 -10.16 -3.15
N GLY A 164 32.61 -11.13 -2.30
CA GLY A 164 33.70 -10.93 -1.35
C GLY A 164 33.35 -10.20 -0.08
N VAL A 165 32.07 -9.92 0.13
CA VAL A 165 31.63 -9.23 1.34
C VAL A 165 30.59 -10.07 2.05
N THR A 166 30.70 -10.14 3.37
CA THR A 166 29.74 -10.91 4.14
C THR A 166 28.73 -9.96 4.77
N PHE A 167 27.46 -10.13 4.42
CA PHE A 167 26.40 -9.30 4.97
C PHE A 167 25.96 -9.95 6.27
N VAL A 168 26.26 -9.29 7.37
CA VAL A 168 25.94 -9.78 8.71
C VAL A 168 24.78 -9.01 9.31
N PRO A 169 23.79 -9.73 9.86
CA PRO A 169 22.64 -9.04 10.47
C PRO A 169 23.16 -8.05 11.50
N GLY A 170 22.64 -6.83 11.50
CA GLY A 170 23.09 -5.86 12.48
C GLY A 170 24.13 -4.90 11.94
N ASP A 171 24.90 -5.34 10.95
CA ASP A 171 25.89 -4.45 10.35
C ASP A 171 25.14 -3.44 9.49
N ILE A 172 25.81 -2.37 9.08
CA ILE A 172 25.17 -1.35 8.27
C ILE A 172 25.55 -1.44 6.80
N ALA A 173 24.55 -1.39 5.94
CA ALA A 173 24.79 -1.44 4.49
C ALA A 173 24.57 -0.06 3.89
N TYR A 174 25.46 0.34 2.98
CA TYR A 174 25.35 1.61 2.26
C TYR A 174 25.38 1.24 0.78
N SER A 175 24.42 1.75 0.01
CA SER A 175 24.33 1.41 -1.40
C SER A 175 24.10 2.62 -2.32
N ASP A 176 24.84 2.68 -3.42
CA ASP A 176 24.68 3.74 -4.41
C ASP A 176 25.08 3.25 -5.81
N ASP A 177 25.19 4.16 -6.78
CA ASP A 177 25.54 3.74 -8.13
C ASP A 177 26.90 3.08 -8.30
N ASP A 178 27.79 3.23 -7.33
CA ASP A 178 29.12 2.61 -7.42
C ASP A 178 29.19 1.19 -6.85
N GLY A 179 28.44 0.96 -5.78
CA GLY A 179 28.46 -0.36 -5.17
C GLY A 179 27.80 -0.42 -3.82
N ILE A 180 28.30 -1.32 -2.97
CA ILE A 180 27.74 -1.51 -1.64
C ILE A 180 28.85 -1.68 -0.60
N ILE A 181 28.75 -0.93 0.49
CA ILE A 181 29.73 -1.01 1.56
C ILE A 181 29.03 -1.51 2.82
N VAL A 182 29.69 -2.38 3.57
CA VAL A 182 29.14 -2.90 4.80
C VAL A 182 30.08 -2.48 5.94
N VAL A 183 29.52 -1.87 6.97
CA VAL A 183 30.29 -1.40 8.12
C VAL A 183 29.83 -2.06 9.42
N ILE B 29 -22.04 -2.64 7.08
CA ILE B 29 -21.45 -3.07 5.78
C ILE B 29 -22.24 -2.51 4.60
N SER B 30 -21.63 -1.62 3.84
CA SER B 30 -22.30 -1.04 2.68
C SER B 30 -22.11 -1.94 1.48
N PHE B 31 -23.18 -2.12 0.70
CA PHE B 31 -23.13 -2.97 -0.48
C PHE B 31 -22.26 -2.43 -1.60
N ARG B 32 -21.65 -3.34 -2.33
CA ARG B 32 -20.82 -3.02 -3.49
C ARG B 32 -21.05 -4.15 -4.49
N PRO B 33 -21.27 -3.81 -5.77
CA PRO B 33 -21.48 -4.84 -6.80
C PRO B 33 -20.42 -5.93 -6.72
N THR B 34 -20.82 -7.19 -6.90
CA THR B 34 -19.86 -8.29 -6.84
C THR B 34 -18.76 -8.14 -7.89
N ALA B 35 -19.09 -7.56 -9.03
CA ALA B 35 -18.09 -7.37 -10.09
C ALA B 35 -17.01 -6.38 -9.63
N ASP B 36 -17.43 -5.33 -8.94
CA ASP B 36 -16.50 -4.33 -8.43
C ASP B 36 -15.56 -4.97 -7.42
N LEU B 37 -16.12 -5.80 -6.55
CA LEU B 37 -15.33 -6.48 -5.54
C LEU B 37 -14.29 -7.37 -6.20
N VAL B 38 -14.71 -8.11 -7.22
CA VAL B 38 -13.78 -8.98 -7.93
C VAL B 38 -12.65 -8.13 -8.51
N ASP B 39 -12.99 -6.98 -9.05
CA ASP B 39 -12.00 -6.10 -9.63
C ASP B 39 -10.94 -5.72 -8.60
N ASP B 40 -11.38 -5.35 -7.40
CA ASP B 40 -10.45 -4.95 -6.35
C ASP B 40 -9.70 -6.10 -5.68
N ILE B 41 -10.42 -7.19 -5.40
CA ILE B 41 -9.83 -8.35 -4.73
C ILE B 41 -8.79 -9.09 -5.58
N GLY B 42 -9.10 -9.29 -6.86
CA GLY B 42 -8.17 -9.98 -7.72
C GLY B 42 -8.52 -11.43 -8.01
N PRO B 43 -7.67 -12.15 -8.74
CA PRO B 43 -7.78 -13.56 -9.15
C PRO B 43 -8.17 -14.58 -8.09
N ASP B 44 -7.79 -14.35 -6.84
CA ASP B 44 -8.12 -15.30 -5.78
C ASP B 44 -9.42 -14.96 -5.05
N VAL B 45 -10.26 -14.16 -5.69
CA VAL B 45 -11.53 -13.78 -5.08
C VAL B 45 -12.37 -15.03 -4.80
N ARG B 46 -13.10 -15.02 -3.70
CA ARG B 46 -13.94 -16.14 -3.33
C ARG B 46 -15.33 -15.92 -3.91
N SER B 47 -15.54 -16.38 -5.14
CA SER B 47 -16.81 -16.22 -5.85
C SER B 47 -17.54 -17.56 -5.96
N CYS B 48 -18.78 -17.58 -5.50
CA CYS B 48 -19.61 -18.79 -5.53
C CYS B 48 -20.09 -19.12 -6.94
N ASP B 49 -19.80 -20.33 -7.41
CA ASP B 49 -20.20 -20.75 -8.75
C ASP B 49 -21.64 -21.24 -8.87
N LEU B 50 -22.25 -21.59 -7.74
CA LEU B 50 -23.62 -22.09 -7.73
C LEU B 50 -24.62 -21.05 -8.22
N GLN B 51 -25.48 -21.45 -9.17
CA GLN B 51 -26.48 -20.56 -9.71
C GLN B 51 -27.74 -20.55 -8.85
N PHE B 52 -28.02 -19.41 -8.22
CA PHE B 52 -29.19 -19.26 -7.37
C PHE B 52 -30.23 -18.39 -8.08
N ARG B 53 -31.49 -18.55 -7.67
CA ARG B 53 -32.57 -17.74 -8.21
C ARG B 53 -32.82 -16.66 -7.14
N GLN B 54 -33.23 -15.47 -7.56
CA GLN B 54 -33.53 -14.38 -6.64
C GLN B 54 -35.02 -14.42 -6.30
N PHE B 55 -35.37 -14.21 -5.03
CA PHE B 55 -36.76 -14.27 -4.58
C PHE B 55 -37.21 -13.06 -3.76
N GLY B 56 -36.27 -12.37 -3.14
CA GLY B 56 -36.62 -11.24 -2.30
C GLY B 56 -36.88 -9.90 -2.96
N GLY B 57 -37.30 -8.93 -2.14
CA GLY B 57 -37.58 -7.61 -2.64
C GLY B 57 -36.29 -6.89 -2.99
N ARG B 58 -35.18 -7.35 -2.42
CA ARG B 58 -33.87 -6.76 -2.68
C ARG B 58 -33.03 -7.69 -3.55
N SER B 59 -32.45 -7.16 -4.61
CA SER B 59 -31.60 -7.96 -5.48
C SER B 59 -30.14 -7.84 -5.04
N GLN B 60 -29.85 -6.83 -4.23
CA GLN B 60 -28.48 -6.60 -3.75
C GLN B 60 -28.43 -6.51 -2.23
N PHE B 61 -27.48 -7.21 -1.62
CA PHE B 61 -27.31 -7.16 -0.17
C PHE B 61 -25.92 -7.58 0.25
N ALA B 62 -25.51 -7.17 1.45
CA ALA B 62 -24.20 -7.51 1.97
C ALA B 62 -24.20 -7.39 3.49
N GLY B 63 -23.53 -8.33 4.16
CA GLY B 63 -23.48 -8.29 5.61
C GLY B 63 -22.71 -9.46 6.18
N PRO B 64 -22.46 -9.44 7.51
CA PRO B 64 -21.73 -10.50 8.22
C PRO B 64 -22.48 -11.83 8.16
N ILE B 65 -21.74 -12.90 7.90
CA ILE B 65 -22.30 -14.24 7.76
C ILE B 65 -22.56 -15.03 9.04
N SER B 66 -23.72 -15.69 9.08
CA SER B 66 -24.09 -16.58 10.16
C SER B 66 -24.51 -17.81 9.37
N THR B 67 -24.35 -19.00 9.93
CA THR B 67 -24.70 -20.19 9.19
C THR B 67 -25.55 -21.18 9.97
N VAL B 68 -26.26 -22.02 9.22
CA VAL B 68 -27.10 -23.06 9.76
C VAL B 68 -27.12 -24.21 8.78
N ARG B 69 -26.86 -25.42 9.27
CA ARG B 69 -26.91 -26.60 8.43
C ARG B 69 -28.10 -27.40 8.96
N CYS B 70 -28.97 -27.82 8.05
CA CYS B 70 -30.15 -28.58 8.43
C CYS B 70 -30.65 -29.37 7.23
N PHE B 71 -31.76 -30.07 7.40
CA PHE B 71 -32.34 -30.84 6.31
C PHE B 71 -33.85 -30.92 6.40
N GLN B 72 -34.52 -30.19 5.51
CA GLN B 72 -35.98 -30.18 5.46
C GLN B 72 -36.60 -29.90 6.82
N ASP B 73 -35.93 -29.03 7.58
CA ASP B 73 -36.39 -28.63 8.90
C ASP B 73 -35.93 -27.20 9.10
N ASN B 74 -36.82 -26.31 9.53
CA ASN B 74 -36.42 -24.92 9.71
C ASN B 74 -36.58 -24.35 11.11
N ALA B 75 -36.73 -25.22 12.10
CA ALA B 75 -36.87 -24.74 13.48
C ALA B 75 -35.60 -24.02 13.93
N LEU B 76 -34.44 -24.64 13.68
CA LEU B 76 -33.18 -24.02 14.10
C LEU B 76 -32.92 -22.67 13.44
N LEU B 77 -33.07 -22.62 12.11
CA LEU B 77 -32.82 -21.37 11.41
C LEU B 77 -33.82 -20.30 11.81
N LYS B 78 -35.04 -20.71 12.17
CA LYS B 78 -36.04 -19.73 12.59
C LYS B 78 -35.63 -19.11 13.92
N SER B 79 -35.08 -19.92 14.83
CA SER B 79 -34.65 -19.39 16.13
C SER B 79 -33.49 -18.41 15.95
N VAL B 80 -32.60 -18.71 15.00
CA VAL B 80 -31.47 -17.82 14.74
C VAL B 80 -31.98 -16.50 14.16
N LEU B 81 -32.89 -16.58 13.20
CA LEU B 81 -33.43 -15.39 12.57
C LEU B 81 -34.35 -14.59 13.48
N SER B 82 -34.75 -15.18 14.61
CA SER B 82 -35.61 -14.48 15.56
C SER B 82 -34.78 -13.53 16.43
N GLN B 83 -33.45 -13.64 16.33
CA GLN B 83 -32.55 -12.80 17.10
C GLN B 83 -32.15 -11.53 16.33
N PRO B 84 -31.94 -10.43 17.06
CA PRO B 84 -31.54 -9.16 16.43
C PRO B 84 -30.28 -9.32 15.60
N SER B 85 -30.22 -8.62 14.47
CA SER B 85 -29.07 -8.70 13.60
C SER B 85 -28.75 -7.35 12.98
N ALA B 86 -27.47 -7.01 12.93
CA ALA B 86 -27.04 -5.75 12.35
C ALA B 86 -26.84 -5.98 10.85
N GLY B 87 -27.94 -6.20 10.14
CA GLY B 87 -27.86 -6.42 8.71
C GLY B 87 -27.09 -7.67 8.34
N GLY B 88 -27.27 -8.73 9.12
CA GLY B 88 -26.56 -9.96 8.85
C GLY B 88 -27.09 -10.76 7.68
N VAL B 89 -26.31 -11.75 7.26
CA VAL B 89 -26.67 -12.63 6.17
C VAL B 89 -26.65 -14.06 6.72
N LEU B 90 -27.75 -14.78 6.57
CA LEU B 90 -27.80 -16.16 7.05
C LEU B 90 -27.67 -17.11 5.87
N VAL B 91 -26.67 -17.97 5.93
CA VAL B 91 -26.44 -18.96 4.89
C VAL B 91 -26.98 -20.28 5.43
N ILE B 92 -27.98 -20.82 4.75
CA ILE B 92 -28.63 -22.05 5.16
C ILE B 92 -28.32 -23.21 4.23
N ASP B 93 -27.61 -24.21 4.74
CA ASP B 93 -27.31 -25.36 3.92
C ASP B 93 -28.33 -26.47 4.17
N GLY B 94 -29.30 -26.58 3.27
CA GLY B 94 -30.34 -27.59 3.39
C GLY B 94 -30.08 -28.74 2.44
N ALA B 95 -28.82 -28.95 2.11
CA ALA B 95 -28.41 -30.02 1.20
C ALA B 95 -29.01 -29.83 -0.20
N GLY B 96 -29.50 -28.63 -0.48
CA GLY B 96 -30.08 -28.35 -1.78
C GLY B 96 -31.40 -29.05 -2.05
N SER B 97 -32.02 -29.60 -1.02
CA SER B 97 -33.28 -30.29 -1.21
C SER B 97 -34.35 -29.36 -1.76
N LEU B 98 -35.13 -29.86 -2.71
CA LEU B 98 -36.22 -29.09 -3.31
C LEU B 98 -37.53 -29.72 -2.86
N HIS B 99 -37.45 -30.56 -1.83
CA HIS B 99 -38.63 -31.26 -1.31
C HIS B 99 -39.49 -30.41 -0.37
N THR B 100 -38.86 -29.54 0.43
CA THR B 100 -39.61 -28.70 1.35
C THR B 100 -39.09 -27.26 1.36
N ALA B 101 -39.94 -26.34 1.78
CA ALA B 101 -39.58 -24.94 1.85
C ALA B 101 -38.92 -24.66 3.20
N LEU B 102 -37.67 -24.19 3.16
CA LEU B 102 -36.96 -23.87 4.39
C LEU B 102 -37.38 -22.49 4.87
N VAL B 103 -37.76 -21.65 3.91
CA VAL B 103 -38.20 -20.29 4.21
C VAL B 103 -39.44 -19.91 3.42
N GLY B 104 -40.41 -19.32 4.11
CA GLY B 104 -41.64 -18.86 3.47
C GLY B 104 -41.82 -17.40 3.85
N ASP B 105 -43.00 -16.83 3.63
CA ASP B 105 -43.19 -15.43 3.97
C ASP B 105 -43.13 -15.13 5.47
N VAL B 106 -43.43 -16.11 6.31
CA VAL B 106 -43.37 -15.88 7.76
C VAL B 106 -41.92 -15.66 8.21
N ILE B 107 -41.05 -16.62 7.90
CA ILE B 107 -39.65 -16.51 8.28
C ILE B 107 -38.94 -15.36 7.57
N ALA B 108 -39.28 -15.12 6.32
CA ALA B 108 -38.66 -14.04 5.56
C ALA B 108 -38.97 -12.68 6.20
N GLU B 109 -40.24 -12.46 6.56
CA GLU B 109 -40.65 -11.21 7.19
C GLU B 109 -40.03 -11.14 8.58
N LEU B 110 -39.95 -12.31 9.22
CA LEU B 110 -39.36 -12.41 10.56
C LEU B 110 -37.93 -11.88 10.52
N ALA B 111 -37.13 -12.44 9.62
CA ALA B 111 -35.75 -12.04 9.46
C ALA B 111 -35.63 -10.56 9.14
N ARG B 112 -36.50 -10.06 8.28
CA ARG B 112 -36.48 -8.65 7.92
C ARG B 112 -36.71 -7.79 9.16
N SER B 113 -37.73 -8.14 9.94
CA SER B 113 -38.09 -7.38 11.13
C SER B 113 -36.98 -7.34 12.19
N THR B 114 -36.17 -8.39 12.25
CA THR B 114 -35.10 -8.43 13.23
C THR B 114 -33.76 -7.84 12.74
N GLY B 115 -33.73 -7.35 11.51
CA GLY B 115 -32.51 -6.74 11.01
C GLY B 115 -31.64 -7.46 10.01
N TRP B 116 -31.97 -8.70 9.65
CA TRP B 116 -31.16 -9.42 8.68
C TRP B 116 -31.36 -8.81 7.30
N THR B 117 -30.29 -8.75 6.51
CA THR B 117 -30.38 -8.15 5.18
C THR B 117 -30.51 -9.16 4.04
N GLY B 118 -30.15 -10.41 4.30
CA GLY B 118 -30.26 -11.41 3.24
C GLY B 118 -30.21 -12.84 3.71
N LEU B 119 -30.80 -13.72 2.91
CA LEU B 119 -30.84 -15.15 3.19
C LEU B 119 -30.37 -15.90 1.94
N ILE B 120 -29.41 -16.80 2.12
CA ILE B 120 -28.90 -17.60 1.01
C ILE B 120 -29.32 -19.03 1.36
N VAL B 121 -30.32 -19.51 0.63
CA VAL B 121 -30.90 -20.82 0.90
C VAL B 121 -30.48 -21.94 -0.05
N HIS B 122 -29.65 -22.86 0.45
CA HIS B 122 -29.25 -23.99 -0.37
C HIS B 122 -30.38 -25.01 -0.19
N GLY B 123 -31.53 -24.66 -0.76
CA GLY B 123 -32.70 -25.49 -0.67
C GLY B 123 -33.83 -24.73 -1.34
N ALA B 124 -35.07 -24.98 -0.90
CA ALA B 124 -36.21 -24.33 -1.50
C ALA B 124 -36.96 -23.38 -0.56
N VAL B 125 -37.80 -22.54 -1.16
CA VAL B 125 -38.62 -21.57 -0.41
C VAL B 125 -40.06 -21.71 -0.89
N ARG B 126 -41.00 -21.03 -0.22
CA ARG B 126 -42.42 -21.06 -0.60
C ARG B 126 -42.94 -19.62 -0.51
N ASP B 127 -44.18 -19.42 -0.96
CA ASP B 127 -44.80 -18.09 -0.97
C ASP B 127 -43.98 -17.14 -1.85
N ALA B 128 -43.49 -17.64 -2.98
CA ALA B 128 -42.66 -16.85 -3.89
C ALA B 128 -43.27 -15.50 -4.25
N ALA B 129 -44.55 -15.51 -4.60
CA ALA B 129 -45.24 -14.27 -4.97
C ALA B 129 -45.13 -13.22 -3.86
N ALA B 130 -45.21 -13.66 -2.61
CA ALA B 130 -45.12 -12.75 -1.47
C ALA B 130 -43.68 -12.36 -1.14
N LEU B 131 -42.74 -13.29 -1.30
CA LEU B 131 -41.35 -12.98 -0.99
C LEU B 131 -40.84 -11.76 -1.76
N ARG B 132 -41.27 -11.64 -3.01
CA ARG B 132 -40.85 -10.52 -3.86
C ARG B 132 -41.20 -9.16 -3.27
N GLY B 133 -42.18 -9.12 -2.37
CA GLY B 133 -42.57 -7.86 -1.77
C GLY B 133 -41.98 -7.61 -0.39
N ILE B 134 -41.12 -8.49 0.07
CA ILE B 134 -40.49 -8.32 1.38
C ILE B 134 -39.13 -7.67 1.21
N ASP B 135 -38.89 -6.60 1.94
CA ASP B 135 -37.64 -5.85 1.84
C ASP B 135 -36.42 -6.56 2.41
N ILE B 136 -36.03 -7.66 1.76
CA ILE B 136 -34.88 -8.44 2.18
C ILE B 136 -34.39 -9.25 0.99
N GLY B 137 -33.10 -9.60 0.99
CA GLY B 137 -32.55 -10.39 -0.08
C GLY B 137 -32.78 -11.87 0.18
N ILE B 138 -33.13 -12.61 -0.86
CA ILE B 138 -33.35 -14.04 -0.74
C ILE B 138 -32.92 -14.78 -1.99
N LYS B 139 -32.00 -15.72 -1.83
CA LYS B 139 -31.54 -16.53 -2.93
C LYS B 139 -31.79 -18.00 -2.56
N ALA B 140 -32.31 -18.78 -3.50
CA ALA B 140 -32.58 -20.18 -3.26
C ALA B 140 -32.52 -20.94 -4.58
N LEU B 141 -32.56 -22.27 -4.49
CA LEU B 141 -32.48 -23.10 -5.69
C LEU B 141 -33.81 -23.34 -6.37
N GLY B 142 -34.90 -23.17 -5.62
CA GLY B 142 -36.21 -23.40 -6.21
C GLY B 142 -37.29 -23.26 -5.18
N THR B 143 -38.49 -23.75 -5.51
CA THR B 143 -39.63 -23.63 -4.62
C THR B 143 -40.39 -24.95 -4.42
N ASN B 144 -41.17 -24.98 -3.35
CA ASN B 144 -42.01 -26.13 -3.03
C ASN B 144 -42.93 -25.70 -1.89
N PRO B 145 -44.25 -25.81 -2.08
CA PRO B 145 -45.19 -25.41 -1.02
C PRO B 145 -45.18 -26.34 0.19
N ARG B 146 -44.57 -27.52 0.04
CA ARG B 146 -44.50 -28.47 1.16
C ARG B 146 -43.66 -27.85 2.27
N LYS B 147 -44.17 -27.91 3.50
CA LYS B 147 -43.46 -27.32 4.63
C LYS B 147 -42.37 -28.22 5.19
N SER B 148 -41.45 -27.59 5.91
CA SER B 148 -40.35 -28.31 6.54
C SER B 148 -40.83 -28.69 7.94
N THR B 149 -40.15 -29.65 8.55
CA THR B 149 -40.52 -30.06 9.89
C THR B 149 -39.91 -29.03 10.84
N LYS B 150 -40.24 -29.12 12.13
CA LYS B 150 -39.71 -28.18 13.10
C LYS B 150 -39.19 -28.89 14.35
N THR B 151 -38.30 -29.86 14.14
CA THR B 151 -37.73 -30.61 15.27
C THR B 151 -36.60 -29.83 15.91
N GLY B 152 -35.93 -28.99 15.10
CA GLY B 152 -34.83 -28.20 15.61
C GLY B 152 -33.48 -28.83 15.32
N ALA B 153 -33.50 -30.01 14.73
CA ALA B 153 -32.26 -30.71 14.39
C ALA B 153 -31.39 -29.88 13.46
N GLY B 154 -30.07 -30.03 13.57
CA GLY B 154 -29.16 -29.28 12.74
C GLY B 154 -28.04 -28.64 13.52
N GLU B 155 -27.17 -27.91 12.85
CA GLU B 155 -26.04 -27.25 13.52
C GLU B 155 -25.92 -25.81 13.06
N ARG B 156 -25.50 -24.94 13.96
CA ARG B 156 -25.35 -23.54 13.62
C ARG B 156 -23.89 -23.10 13.66
N ASP B 157 -23.61 -22.07 12.88
CA ASP B 157 -22.28 -21.49 12.79
C ASP B 157 -21.16 -22.46 12.43
N VAL B 158 -21.44 -23.33 11.48
CA VAL B 158 -20.46 -24.29 10.99
C VAL B 158 -20.04 -23.72 9.63
N GLU B 159 -18.93 -24.20 9.09
CA GLU B 159 -18.51 -23.69 7.79
C GLU B 159 -19.27 -24.44 6.70
N ILE B 160 -19.77 -23.70 5.71
CA ILE B 160 -20.53 -24.28 4.61
C ILE B 160 -19.81 -24.02 3.29
N THR B 161 -19.49 -25.09 2.56
CA THR B 161 -18.81 -24.95 1.29
C THR B 161 -19.76 -25.24 0.14
N LEU B 162 -20.03 -24.21 -0.66
CA LEU B 162 -20.93 -24.34 -1.81
C LEU B 162 -20.31 -23.63 -3.00
N GLY B 163 -20.45 -24.22 -4.18
CA GLY B 163 -19.91 -23.62 -5.39
C GLY B 163 -18.45 -23.20 -5.32
N GLY B 164 -17.63 -24.00 -4.63
CA GLY B 164 -16.21 -23.69 -4.53
C GLY B 164 -15.84 -22.62 -3.52
N VAL B 165 -16.80 -22.16 -2.75
CA VAL B 165 -16.54 -21.14 -1.74
C VAL B 165 -16.99 -21.63 -0.37
N THR B 166 -16.25 -21.26 0.65
CA THR B 166 -16.58 -21.64 2.01
C THR B 166 -17.15 -20.44 2.75
N PHE B 167 -18.40 -20.57 3.20
CA PHE B 167 -19.04 -19.49 3.95
C PHE B 167 -18.64 -19.67 5.41
N VAL B 168 -17.85 -18.74 5.91
CA VAL B 168 -17.36 -18.79 7.28
C VAL B 168 -18.07 -17.79 8.18
N PRO B 169 -18.57 -18.25 9.35
CA PRO B 169 -19.24 -17.31 10.24
C PRO B 169 -18.29 -16.14 10.48
N GLY B 170 -18.80 -14.92 10.40
CA GLY B 170 -17.95 -13.76 10.63
C GLY B 170 -17.49 -13.10 9.33
N ASP B 171 -17.28 -13.90 8.29
CA ASP B 171 -16.87 -13.35 7.01
C ASP B 171 -18.01 -12.49 6.47
N ILE B 172 -17.71 -11.69 5.45
CA ILE B 172 -18.72 -10.81 4.88
C ILE B 172 -19.17 -11.36 3.53
N ALA B 173 -20.49 -11.37 3.31
CA ALA B 173 -21.06 -11.84 2.06
C ALA B 173 -21.69 -10.70 1.28
N TYR B 174 -21.41 -10.65 -0.01
CA TYR B 174 -21.97 -9.64 -0.91
C TYR B 174 -22.73 -10.42 -1.98
N SER B 175 -23.97 -10.03 -2.26
CA SER B 175 -24.78 -10.76 -3.25
C SER B 175 -25.58 -9.87 -4.18
N ASP B 176 -25.58 -10.22 -5.46
CA ASP B 176 -26.36 -9.47 -6.45
C ASP B 176 -26.73 -10.38 -7.63
N ASP B 177 -27.22 -9.79 -8.72
CA ASP B 177 -27.64 -10.60 -9.87
C ASP B 177 -26.53 -11.40 -10.54
N ASP B 178 -25.27 -11.11 -10.21
CA ASP B 178 -24.15 -11.85 -10.82
C ASP B 178 -23.72 -13.06 -10.00
N GLY B 179 -23.77 -12.93 -8.69
CA GLY B 179 -23.34 -14.05 -7.86
C GLY B 179 -23.17 -13.66 -6.41
N ILE B 180 -22.23 -14.33 -5.75
CA ILE B 180 -21.97 -14.10 -4.35
C ILE B 180 -20.47 -14.09 -4.08
N ILE B 181 -20.01 -13.07 -3.36
CA ILE B 181 -18.61 -12.94 -3.01
C ILE B 181 -18.49 -12.99 -1.48
N VAL B 182 -17.48 -13.70 -0.98
CA VAL B 182 -17.28 -13.79 0.46
C VAL B 182 -15.95 -13.14 0.85
N VAL B 183 -16.05 -12.13 1.72
CA VAL B 183 -14.91 -11.35 2.23
C VAL B 183 -13.96 -10.85 1.14
N SER C 30 4.29 8.98 5.99
CA SER C 30 4.59 8.02 4.89
C SER C 30 4.02 8.49 3.55
N PHE C 31 4.88 8.59 2.55
CA PHE C 31 4.47 9.05 1.22
C PHE C 31 3.37 8.20 0.58
N ARG C 32 2.53 8.87 -0.20
CA ARG C 32 1.45 8.24 -0.96
C ARG C 32 1.37 9.03 -2.26
N PRO C 33 1.15 8.34 -3.40
CA PRO C 33 1.05 9.05 -4.67
C PRO C 33 -0.01 10.14 -4.58
N THR C 34 0.26 11.30 -5.15
CA THR C 34 -0.69 12.41 -5.10
C THR C 34 -2.04 12.03 -5.71
N ALA C 35 -2.03 11.18 -6.74
CA ALA C 35 -3.29 10.75 -7.37
C ALA C 35 -4.16 9.96 -6.38
N ASP C 36 -3.51 9.15 -5.54
CA ASP C 36 -4.21 8.35 -4.54
C ASP C 36 -4.80 9.27 -3.48
N LEU C 37 -4.03 10.26 -3.06
CA LEU C 37 -4.51 11.21 -2.06
C LEU C 37 -5.74 11.93 -2.58
N VAL C 38 -5.70 12.34 -3.84
CA VAL C 38 -6.83 13.04 -4.45
C VAL C 38 -8.06 12.13 -4.44
N ASP C 39 -7.88 10.86 -4.80
CA ASP C 39 -9.00 9.93 -4.81
C ASP C 39 -9.66 9.84 -3.43
N ASP C 40 -8.85 9.81 -2.38
CA ASP C 40 -9.37 9.71 -1.03
C ASP C 40 -9.96 11.01 -0.50
N ILE C 41 -9.28 12.11 -0.74
CA ILE C 41 -9.73 13.41 -0.25
C ILE C 41 -10.97 13.96 -0.93
N GLY C 42 -11.06 13.85 -2.25
CA GLY C 42 -12.24 14.36 -2.92
C GLY C 42 -12.00 15.64 -3.71
N PRO C 43 -13.06 16.21 -4.30
CA PRO C 43 -13.05 17.43 -5.12
C PRO C 43 -12.41 18.67 -4.51
N ASP C 44 -12.41 18.76 -3.18
CA ASP C 44 -11.84 19.94 -2.52
C ASP C 44 -10.38 19.76 -2.12
N VAL C 45 -9.74 18.72 -2.66
CA VAL C 45 -8.35 18.46 -2.36
C VAL C 45 -7.52 19.70 -2.69
N ARG C 46 -6.50 19.97 -1.89
CA ARG C 46 -5.63 21.11 -2.12
C ARG C 46 -4.47 20.68 -3.01
N SER C 47 -4.67 20.79 -4.32
CA SER C 47 -3.65 20.39 -5.29
C SER C 47 -3.04 21.61 -5.99
N CYS C 48 -1.71 21.70 -5.96
CA CYS C 48 -0.99 22.83 -6.56
C CYS C 48 -0.96 22.74 -8.09
N ASP C 49 -1.40 23.80 -8.76
CA ASP C 49 -1.41 23.82 -10.23
C ASP C 49 -0.10 24.27 -10.86
N LEU C 50 0.77 24.88 -10.07
CA LEU C 50 2.04 25.38 -10.57
C LEU C 50 2.95 24.24 -11.04
N GLN C 51 3.42 24.32 -12.27
CA GLN C 51 4.28 23.28 -12.83
C GLN C 51 5.72 23.48 -12.39
N PHE C 52 6.28 22.48 -11.71
CA PHE C 52 7.66 22.51 -11.24
C PHE C 52 8.50 21.48 -11.96
N ARG C 53 9.81 21.70 -11.99
CA ARG C 53 10.74 20.75 -12.58
C ARG C 53 11.31 19.98 -11.38
N GLN C 54 11.66 18.72 -11.58
CA GLN C 54 12.24 17.90 -10.52
C GLN C 54 13.76 17.95 -10.67
N PHE C 55 14.48 18.03 -9.55
CA PHE C 55 15.93 18.10 -9.58
C PHE C 55 16.66 17.12 -8.67
N GLY C 56 16.00 16.69 -7.59
CA GLY C 56 16.64 15.81 -6.64
C GLY C 56 16.74 14.32 -6.94
N GLY C 57 17.43 13.60 -6.06
CA GLY C 57 17.59 12.17 -6.23
C GLY C 57 16.31 11.42 -5.95
N ARG C 58 15.37 12.07 -5.27
CA ARG C 58 14.08 11.44 -4.97
C ARG C 58 13.00 12.16 -5.76
N SER C 59 12.14 11.40 -6.44
CA SER C 59 11.07 11.99 -7.20
C SER C 59 9.80 12.08 -6.35
N GLN C 60 9.79 11.38 -5.22
CA GLN C 60 8.65 11.38 -4.32
C GLN C 60 9.04 11.70 -2.88
N PHE C 61 8.23 12.49 -2.21
CA PHE C 61 8.49 12.83 -0.82
C PHE C 61 7.24 13.38 -0.14
N ALA C 62 7.27 13.36 1.18
CA ALA C 62 6.14 13.86 1.97
C ALA C 62 6.64 14.16 3.37
N GLY C 63 6.10 15.21 3.97
CA GLY C 63 6.50 15.57 5.31
C GLY C 63 5.86 16.85 5.80
N PRO C 64 6.03 17.17 7.10
CA PRO C 64 5.46 18.38 7.68
C PRO C 64 6.10 19.62 7.06
N ILE C 65 5.26 20.60 6.73
CA ILE C 65 5.69 21.83 6.10
C ILE C 65 6.29 22.92 6.98
N SER C 66 7.39 23.51 6.49
CA SER C 66 8.03 24.65 7.13
C SER C 66 8.13 25.64 5.98
N THR C 67 8.19 26.94 6.26
CA THR C 67 8.26 27.91 5.18
C THR C 67 9.24 29.05 5.38
N VAL C 68 9.66 29.63 4.27
CA VAL C 68 10.57 30.76 4.25
C VAL C 68 10.28 31.59 3.00
N ARG C 69 10.10 32.89 3.17
CA ARG C 69 9.91 33.77 2.03
C ARG C 69 11.15 34.64 1.99
N CYS C 70 11.79 34.71 0.83
CA CYS C 70 13.00 35.49 0.68
C CYS C 70 13.10 35.93 -0.78
N PHE C 71 14.15 36.66 -1.09
CA PHE C 71 14.35 37.12 -2.46
C PHE C 71 15.81 37.14 -2.85
N GLN C 72 16.21 36.19 -3.68
CA GLN C 72 17.58 36.07 -4.16
C GLN C 72 18.60 36.10 -3.03
N ASP C 73 18.19 35.58 -1.87
CA ASP C 73 19.03 35.52 -0.68
C ASP C 73 18.68 34.19 0.00
N ASN C 74 19.69 33.43 0.43
CA ASN C 74 19.40 32.14 1.05
C ASN C 74 20.00 31.90 2.43
N ALA C 75 20.44 32.95 3.11
CA ALA C 75 21.01 32.80 4.44
C ALA C 75 19.95 32.29 5.44
N LEU C 76 18.74 32.84 5.34
CA LEU C 76 17.67 32.43 6.24
C LEU C 76 17.26 30.99 6.02
N LEU C 77 17.00 30.60 4.78
CA LEU C 77 16.60 29.23 4.50
C LEU C 77 17.70 28.24 4.86
N LYS C 78 18.96 28.65 4.76
CA LYS C 78 20.05 27.74 5.13
C LYS C 78 20.05 27.53 6.65
N SER C 79 19.78 28.59 7.41
CA SER C 79 19.76 28.45 8.86
C SER C 79 18.61 27.52 9.26
N VAL C 80 17.50 27.60 8.53
CA VAL C 80 16.36 26.75 8.82
C VAL C 80 16.72 25.29 8.53
N LEU C 81 17.33 25.04 7.37
CA LEU C 81 17.72 23.68 6.98
C LEU C 81 18.86 23.14 7.83
N SER C 82 19.48 23.99 8.63
CA SER C 82 20.57 23.56 9.50
C SER C 82 20.03 22.83 10.73
N GLN C 83 18.74 22.95 10.96
CA GLN C 83 18.11 22.31 12.11
C GLN C 83 17.53 20.95 11.75
N PRO C 84 17.77 19.93 12.57
CA PRO C 84 17.25 18.60 12.29
C PRO C 84 15.74 18.66 12.08
N SER C 85 15.25 17.79 11.20
CA SER C 85 13.83 17.74 10.90
C SER C 85 13.38 16.29 10.79
N ALA C 86 12.17 16.02 11.28
CA ALA C 86 11.63 14.67 11.21
C ALA C 86 11.02 14.43 9.83
N GLY C 87 11.88 14.49 8.79
CA GLY C 87 11.40 14.28 7.44
C GLY C 87 10.56 15.45 6.94
N GLY C 88 10.94 16.66 7.32
CA GLY C 88 10.18 17.83 6.91
C GLY C 88 10.37 18.24 5.46
N VAL C 89 9.49 19.15 5.03
CA VAL C 89 9.51 19.68 3.68
C VAL C 89 9.58 21.20 3.84
N LEU C 90 10.58 21.82 3.21
CA LEU C 90 10.70 23.27 3.28
C LEU C 90 10.19 23.89 2.00
N VAL C 91 9.23 24.81 2.14
CA VAL C 91 8.66 25.52 1.02
C VAL C 91 9.29 26.90 1.03
N ILE C 92 10.01 27.22 -0.04
CA ILE C 92 10.72 28.48 -0.17
C ILE C 92 10.10 29.37 -1.25
N ASP C 93 9.55 30.52 -0.85
CA ASP C 93 8.99 31.43 -1.84
C ASP C 93 10.02 32.50 -2.17
N GLY C 94 10.68 32.35 -3.31
CA GLY C 94 11.67 33.31 -3.73
C GLY C 94 11.14 34.18 -4.86
N ALA C 95 9.83 34.38 -4.87
CA ALA C 95 9.14 35.20 -5.88
C ALA C 95 9.27 34.63 -7.27
N GLY C 96 9.65 33.36 -7.37
CA GLY C 96 9.80 32.72 -8.67
C GLY C 96 10.95 33.25 -9.50
N SER C 97 11.85 33.99 -8.87
CA SER C 97 12.98 34.56 -9.60
C SER C 97 13.93 33.51 -10.17
N LEU C 98 14.32 33.70 -11.43
CA LEU C 98 15.24 32.79 -12.09
C LEU C 98 16.62 33.45 -12.20
N HIS C 99 16.82 34.51 -11.42
CA HIS C 99 18.06 35.29 -11.45
C HIS C 99 19.19 34.71 -10.60
N THR C 100 18.85 34.08 -9.49
CA THR C 100 19.88 33.48 -8.62
C THR C 100 19.43 32.13 -8.10
N ALA C 101 20.41 31.30 -7.72
CA ALA C 101 20.15 29.98 -7.19
C ALA C 101 19.89 30.09 -5.69
N LEU C 102 18.70 29.69 -5.25
CA LEU C 102 18.37 29.73 -3.84
C LEU C 102 18.96 28.49 -3.16
N VAL C 103 19.05 27.40 -3.92
CA VAL C 103 19.60 26.14 -3.41
C VAL C 103 20.55 25.52 -4.40
N GLY C 104 21.70 25.06 -3.89
CA GLY C 104 22.70 24.40 -4.72
C GLY C 104 23.07 23.10 -4.03
N ASP C 105 24.16 22.46 -4.41
CA ASP C 105 24.50 21.19 -3.78
C ASP C 105 24.92 21.32 -2.32
N VAL C 106 25.33 22.51 -1.90
CA VAL C 106 25.73 22.70 -0.51
C VAL C 106 24.49 22.69 0.39
N ILE C 107 23.49 23.50 0.06
CA ILE C 107 22.28 23.54 0.88
C ILE C 107 21.44 22.28 0.73
N ALA C 108 21.45 21.66 -0.45
CA ALA C 108 20.69 20.44 -0.66
C ALA C 108 21.25 19.33 0.23
N GLU C 109 22.57 19.21 0.27
CA GLU C 109 23.23 18.18 1.08
C GLU C 109 22.99 18.45 2.55
N LEU C 110 23.04 19.72 2.94
CA LEU C 110 22.80 20.11 4.32
C LEU C 110 21.41 19.62 4.74
N ALA C 111 20.40 19.99 3.94
CA ALA C 111 19.02 19.60 4.21
C ALA C 111 18.92 18.08 4.36
N ARG C 112 19.54 17.35 3.42
CA ARG C 112 19.50 15.89 3.49
C ARG C 112 20.14 15.40 4.79
N SER C 113 21.29 15.98 5.12
CA SER C 113 22.03 15.58 6.31
C SER C 113 21.27 15.83 7.61
N THR C 114 20.32 16.75 7.60
CA THR C 114 19.56 17.04 8.81
C THR C 114 18.16 16.40 8.81
N GLY C 115 17.88 15.58 7.80
CA GLY C 115 16.60 14.88 7.77
C GLY C 115 15.46 15.38 6.89
N TRP C 116 15.64 16.50 6.21
CA TRP C 116 14.58 17.01 5.35
C TRP C 116 14.40 16.10 4.14
N THR C 117 13.15 15.80 3.80
CA THR C 117 12.84 14.91 2.68
C THR C 117 12.60 15.65 1.36
N GLY C 118 12.26 16.93 1.43
CA GLY C 118 12.02 17.65 0.20
C GLY C 118 12.07 19.16 0.31
N LEU C 119 12.42 19.79 -0.80
CA LEU C 119 12.51 21.25 -0.90
C LEU C 119 11.69 21.67 -2.11
N ILE C 120 10.76 22.60 -1.89
CA ILE C 120 9.92 23.12 -2.97
C ILE C 120 10.37 24.56 -3.14
N VAL C 121 11.06 24.83 -4.24
CA VAL C 121 11.62 26.15 -4.47
C VAL C 121 10.91 26.98 -5.52
N HIS C 122 10.21 28.02 -5.08
CA HIS C 122 9.53 28.92 -6.01
C HIS C 122 10.63 29.90 -6.40
N GLY C 123 11.52 29.41 -7.25
CA GLY C 123 12.65 30.18 -7.71
C GLY C 123 13.58 29.22 -8.45
N ALA C 124 14.87 29.48 -8.39
CA ALA C 124 15.85 28.65 -9.10
C ALA C 124 16.89 27.96 -8.22
N VAL C 125 17.57 26.97 -8.81
CA VAL C 125 18.62 26.22 -8.13
C VAL C 125 19.87 26.19 -9.00
N ARG C 126 20.97 25.61 -8.49
CA ARG C 126 22.21 25.49 -9.25
C ARG C 126 22.77 24.08 -8.96
N ASP C 127 23.84 23.71 -9.66
CA ASP C 127 24.45 22.38 -9.50
C ASP C 127 23.45 21.29 -9.86
N ALA C 128 22.61 21.56 -10.85
CA ALA C 128 21.59 20.59 -11.29
C ALA C 128 22.17 19.20 -11.49
N ALA C 129 23.33 19.11 -12.13
CA ALA C 129 23.96 17.82 -12.38
C ALA C 129 24.26 17.08 -11.08
N ALA C 130 24.56 17.81 -10.01
CA ALA C 130 24.87 17.19 -8.73
C ALA C 130 23.61 16.93 -7.90
N LEU C 131 22.60 17.79 -8.03
CA LEU C 131 21.36 17.63 -7.27
C LEU C 131 20.68 16.29 -7.50
N ARG C 132 20.76 15.78 -8.73
CA ARG C 132 20.15 14.51 -9.09
C ARG C 132 20.79 13.35 -8.32
N GLY C 133 21.92 13.62 -7.70
CA GLY C 133 22.63 12.59 -6.95
C GLY C 133 22.59 12.79 -5.43
N ILE C 134 21.69 13.64 -4.98
CA ILE C 134 21.55 13.89 -3.55
C ILE C 134 20.20 13.30 -3.15
N ASP C 135 20.22 12.44 -2.13
CA ASP C 135 19.04 11.73 -1.65
C ASP C 135 17.97 12.61 -0.99
N ILE C 136 17.35 13.46 -1.78
CA ILE C 136 16.31 14.35 -1.29
C ILE C 136 15.46 14.82 -2.46
N GLY C 137 14.21 15.18 -2.18
CA GLY C 137 13.35 15.68 -3.24
C GLY C 137 13.55 17.16 -3.43
N ILE C 138 13.62 17.60 -4.68
CA ILE C 138 13.79 19.01 -4.98
C ILE C 138 13.00 19.43 -6.19
N LYS C 139 12.12 20.41 -6.00
CA LYS C 139 11.33 20.96 -7.09
C LYS C 139 11.63 22.45 -7.17
N ALA C 140 11.79 22.94 -8.40
CA ALA C 140 12.09 24.34 -8.61
C ALA C 140 11.59 24.74 -10.00
N LEU C 141 11.59 26.04 -10.28
CA LEU C 141 11.13 26.53 -11.58
C LEU C 141 12.21 26.56 -12.64
N GLY C 142 13.46 26.47 -12.22
CA GLY C 142 14.54 26.51 -13.18
C GLY C 142 15.91 26.61 -12.54
N THR C 143 16.91 26.92 -13.34
CA THR C 143 18.28 27.01 -12.84
C THR C 143 19.03 28.28 -13.23
N ASN C 144 20.05 28.60 -12.44
CA ASN C 144 20.91 29.74 -12.69
C ASN C 144 22.12 29.60 -11.77
N PRO C 145 23.33 29.58 -12.35
CA PRO C 145 24.54 29.44 -11.55
C PRO C 145 24.86 30.66 -10.67
N ARG C 146 24.21 31.79 -10.96
CA ARG C 146 24.46 32.99 -10.17
C ARG C 146 24.04 32.73 -8.72
N LYS C 147 24.91 33.08 -7.77
CA LYS C 147 24.59 32.86 -6.37
C LYS C 147 23.67 33.90 -5.76
N SER C 148 23.00 33.49 -4.68
CA SER C 148 22.11 34.36 -3.94
C SER C 148 22.96 35.10 -2.93
N THR C 149 22.45 36.20 -2.39
CA THR C 149 23.20 36.94 -1.37
C THR C 149 22.99 36.23 -0.03
N LYS C 150 23.71 36.67 1.00
CA LYS C 150 23.60 36.05 2.31
C LYS C 150 23.33 37.04 3.44
N THR C 151 22.41 37.97 3.22
CA THR C 151 22.10 38.96 4.25
C THR C 151 21.21 38.37 5.34
N GLY C 152 20.42 37.35 4.99
CA GLY C 152 19.53 36.75 5.95
C GLY C 152 18.14 37.36 5.91
N ALA C 153 17.93 38.30 5.01
CA ALA C 153 16.64 38.96 4.87
C ALA C 153 15.56 37.93 4.51
N GLY C 154 14.35 38.14 5.02
CA GLY C 154 13.27 37.23 4.72
C GLY C 154 12.40 36.94 5.92
N GLU C 155 11.37 36.13 5.73
CA GLU C 155 10.46 35.78 6.80
C GLU C 155 10.28 34.27 6.89
N ARG C 156 10.20 33.76 8.12
CA ARG C 156 10.00 32.32 8.36
C ARG C 156 8.57 32.08 8.83
N ASP C 157 8.10 30.85 8.64
CA ASP C 157 6.77 30.44 9.09
C ASP C 157 5.59 31.23 8.55
N VAL C 158 5.71 31.80 7.35
CA VAL C 158 4.60 32.55 6.80
C VAL C 158 3.80 31.61 5.90
N GLU C 159 2.58 31.99 5.54
CA GLU C 159 1.78 31.14 4.66
C GLU C 159 2.15 31.51 3.23
N ILE C 160 2.39 30.51 2.41
CA ILE C 160 2.76 30.73 1.02
C ILE C 160 1.73 30.14 0.08
N THR C 161 1.12 30.99 -0.74
CA THR C 161 0.10 30.52 -1.68
C THR C 161 0.67 30.44 -3.10
N LEU C 162 0.69 29.23 -3.65
CA LEU C 162 1.20 28.99 -4.99
C LEU C 162 0.26 28.03 -5.72
N GLY C 163 0.05 28.28 -7.00
CA GLY C 163 -0.81 27.42 -7.80
C GLY C 163 -2.17 27.11 -7.19
N GLY C 164 -2.74 28.08 -6.49
CA GLY C 164 -4.06 27.88 -5.90
C GLY C 164 -4.10 27.14 -4.59
N VAL C 165 -2.93 26.86 -4.02
CA VAL C 165 -2.84 26.15 -2.76
C VAL C 165 -2.01 26.98 -1.78
N THR C 166 -2.40 26.96 -0.52
CA THR C 166 -1.68 27.69 0.51
C THR C 166 -0.88 26.69 1.33
N PHE C 167 0.43 26.86 1.34
CA PHE C 167 1.30 25.99 2.10
C PHE C 167 1.37 26.59 3.50
N VAL C 168 0.78 25.89 4.46
CA VAL C 168 0.72 26.34 5.84
C VAL C 168 1.69 25.57 6.71
N PRO C 169 2.49 26.28 7.53
CA PRO C 169 3.43 25.59 8.40
C PRO C 169 2.68 24.56 9.24
N GLY C 170 3.19 23.33 9.31
CA GLY C 170 2.51 22.32 10.09
C GLY C 170 1.64 21.38 9.27
N ASP C 171 1.14 21.86 8.13
CA ASP C 171 0.33 21.00 7.28
C ASP C 171 1.31 20.02 6.63
N ILE C 172 0.78 18.97 6.00
CA ILE C 172 1.61 17.97 5.37
C ILE C 172 1.63 18.13 3.85
N ALA C 173 2.83 18.07 3.28
CA ALA C 173 2.99 18.19 1.84
C ALA C 173 3.37 16.84 1.24
N TYR C 174 2.75 16.49 0.12
CA TYR C 174 3.06 15.26 -0.59
C TYR C 174 3.44 15.67 -2.01
N SER C 175 4.54 15.15 -2.52
CA SER C 175 5.01 15.53 -3.85
C SER C 175 5.52 14.37 -4.70
N ASP C 176 5.11 14.35 -5.97
CA ASP C 176 5.57 13.33 -6.91
C ASP C 176 5.57 13.88 -8.33
N ASP C 177 5.70 13.01 -9.33
CA ASP C 177 5.74 13.48 -10.72
C ASP C 177 4.48 14.16 -11.23
N ASP C 178 3.37 14.01 -10.52
CA ASP C 178 2.13 14.65 -10.97
C ASP C 178 1.91 16.04 -10.38
N GLY C 179 2.33 16.22 -9.13
CA GLY C 179 2.13 17.52 -8.52
C GLY C 179 2.42 17.55 -7.03
N ILE C 180 1.66 18.38 -6.31
CA ILE C 180 1.84 18.54 -4.88
C ILE C 180 0.51 18.69 -4.17
N ILE C 181 0.32 17.90 -3.12
CA ILE C 181 -0.91 17.95 -2.34
C ILE C 181 -0.58 18.42 -0.93
N VAL C 182 -1.42 19.28 -0.37
CA VAL C 182 -1.23 19.74 0.99
C VAL C 182 -2.43 19.30 1.81
N VAL C 183 -2.17 18.76 2.99
CA VAL C 183 -3.24 18.29 3.86
C VAL C 183 -3.11 18.88 5.27
C1 GLV D . 27.40 -1.34 -10.75
O1 GLV D . 27.14 -0.31 -11.38
C2 GLV D . 26.72 -1.63 -9.45
O2 GLV D . 27.00 -2.66 -8.84
O3 GLV D . 25.81 -0.76 -8.96
O1 TLA E . 6.35 -13.66 -7.00
O11 TLA E . 4.29 -13.29 -6.56
C1 TLA E . 5.40 -12.86 -6.81
C2 TLA E . 5.59 -11.35 -6.86
O2 TLA E . 6.96 -11.11 -7.17
C3 TLA E . 5.08 -10.65 -5.57
O3 TLA E . 5.72 -11.28 -4.44
C4 TLA E . 5.33 -9.14 -5.69
O4 TLA E . 6.03 -8.54 -4.85
O41 TLA E . 4.79 -8.48 -6.64
C1 GLV F . -27.17 -16.48 -11.34
O1 GLV F . -27.68 -15.59 -12.04
C2 GLV F . -26.95 -16.27 -9.87
O2 GLV F . -26.43 -17.16 -9.21
O3 GLV F . -27.30 -15.11 -9.31
O1 TLA G . -42.11 -24.59 6.45
O11 TLA G . -43.62 -23.89 7.87
C1 TLA G . -42.87 -23.68 6.87
C2 TLA G . -42.89 -22.31 6.20
O2 TLA G . -41.98 -22.18 5.08
C3 TLA G . -42.56 -21.23 7.27
O3 TLA G . -41.29 -21.46 7.88
C4 TLA G . -42.54 -19.83 6.68
O4 TLA G . -41.52 -19.13 6.77
O41 TLA G . -43.55 -19.43 6.11
C1 GLV H . 4.70 18.57 -13.53
O1 GLV H . 5.06 17.52 -14.08
C2 GLV H . 5.04 18.83 -12.09
O2 GLV H . 4.67 19.87 -11.56
O3 GLV H . 5.73 17.92 -11.38
O1 TLA I . 23.94 30.74 -3.47
O11 TLA I . 25.92 30.27 -2.72
C1 TLA I . 24.82 29.90 -3.21
C2 TLA I . 24.58 28.42 -3.48
O2 TLA I . 23.27 28.14 -4.04
C3 TLA I . 24.75 27.62 -2.17
O3 TLA I . 23.82 28.06 -1.17
C4 TLA I . 24.50 26.13 -2.38
O4 TLA I . 23.61 25.54 -1.75
O41 TLA I . 25.21 25.54 -3.19
#